data_3JXF
#
_entry.id   3JXF
#
_cell.length_a   63.963
_cell.length_b   68.118
_cell.length_c   65.682
_cell.angle_alpha   90.000
_cell.angle_beta   98.480
_cell.angle_gamma   90.000
#
_symmetry.space_group_name_H-M   'P 1 21 1'
#
loop_
_entity.id
_entity.type
_entity.pdbx_description
1 polymer 'Receptor-type tyrosine-protein phosphatase zeta'
2 water water
#
_entity_poly.entity_id   1
_entity_poly.type   'polypeptide(L)'
_entity_poly.pdbx_seq_one_letter_code
;PGSEEIGWSYTGALNQKNWGKKYPTCNSPKQSPINIDEDLTQVNVNLKKLKFQGWDKTSLENTFIHNTGKTVEINLTNDY
RVSGGVSEMVFKASKITFHWGKCNMSSDGSEHSLEGQKFPLEMQIYCFDADRFSSFEEAVKGKGKLRALSILFEVGTEEN
LDFKAIIDGVESVSRFGKQAALDPFILLNLLPNSTDKYYIYNGSLTSPPCTDTVDWIVFKDTVSISESQLAVFCEVLTMQ
QSGYVMLMDYLQNNFREQQYKFSRQVFSSYTG
;
_entity_poly.pdbx_strand_id   A,B
#
# COMPACT_ATOMS: atom_id res chain seq x y z
N GLU A 4 -14.88 -3.41 25.20
CA GLU A 4 -15.76 -2.27 24.96
C GLU A 4 -16.19 -2.20 23.50
N GLU A 5 -15.54 -1.33 22.75
CA GLU A 5 -15.92 -1.08 21.35
C GLU A 5 -15.20 -2.04 20.40
N ILE A 6 -15.93 -2.52 19.40
CA ILE A 6 -15.41 -3.51 18.45
C ILE A 6 -14.25 -3.01 17.58
N GLY A 7 -13.21 -3.83 17.48
CA GLY A 7 -12.02 -3.49 16.73
C GLY A 7 -12.24 -3.36 15.22
N TRP A 8 -11.56 -2.38 14.63
CA TRP A 8 -11.67 -2.12 13.19
C TRP A 8 -10.28 -1.92 12.63
N SER A 9 -10.17 -2.01 11.30
CA SER A 9 -8.94 -1.67 10.59
C SER A 9 -9.23 -0.88 9.33
N TYR A 10 -8.21 -0.41 8.64
CA TYR A 10 -8.45 0.27 7.38
C TYR A 10 -8.65 -0.73 6.22
N THR A 11 -7.78 -1.73 6.11
CA THR A 11 -7.91 -2.66 5.00
C THR A 11 -7.91 -4.14 5.39
N GLY A 12 -7.75 -4.43 6.68
CA GLY A 12 -7.74 -5.81 7.15
C GLY A 12 -9.11 -6.28 7.63
N ALA A 13 -9.15 -6.74 8.88
CA ALA A 13 -10.38 -7.24 9.51
C ALA A 13 -11.34 -6.11 9.85
N LEU A 14 -12.62 -6.29 9.52
CA LEU A 14 -13.58 -5.18 9.55
C LEU A 14 -12.92 -3.96 8.95
N ASN A 15 -12.72 -4.01 7.63
CA ASN A 15 -12.05 -2.93 6.91
C ASN A 15 -13.01 -1.77 6.68
N GLN A 16 -12.51 -0.70 6.08
CA GLN A 16 -13.28 0.54 6.04
C GLN A 16 -14.56 0.43 5.21
N LYS A 17 -14.55 -0.44 4.22
CA LYS A 17 -15.75 -0.70 3.43
C LYS A 17 -16.83 -1.31 4.31
N ASN A 18 -16.43 -1.99 5.38
CA ASN A 18 -17.40 -2.71 6.20
C ASN A 18 -17.67 -2.09 7.56
N TRP A 19 -17.12 -0.90 7.82
CA TRP A 19 -17.32 -0.25 9.11
C TRP A 19 -18.81 -0.07 9.41
N GLY A 20 -19.55 0.31 8.38
CA GLY A 20 -20.99 0.55 8.51
C GLY A 20 -21.78 -0.63 9.06
N LYS A 21 -21.25 -1.83 8.93
CA LYS A 21 -22.00 -2.99 9.46
C LYS A 21 -22.10 -2.91 10.97
N LYS A 22 -21.08 -2.36 11.63
CA LYS A 22 -21.08 -2.22 13.07
C LYS A 22 -21.31 -0.77 13.51
N TYR A 23 -20.88 0.16 12.67
CA TYR A 23 -20.98 1.58 12.98
C TYR A 23 -21.74 2.27 11.87
N PRO A 24 -23.07 2.26 11.96
CA PRO A 24 -24.00 2.68 10.89
C PRO A 24 -23.77 4.11 10.41
N THR A 25 -23.35 5.01 11.28
CA THR A 25 -23.08 6.39 10.86
C THR A 25 -21.97 6.46 9.79
N CYS A 26 -21.10 5.46 9.77
CA CYS A 26 -20.04 5.44 8.76
C CYS A 26 -20.59 5.35 7.34
N ASN A 27 -21.87 5.00 7.22
CA ASN A 27 -22.53 4.96 5.91
C ASN A 27 -23.39 6.19 5.58
N SER A 28 -23.32 7.25 6.39
CA SER A 28 -24.11 8.45 6.14
C SER A 28 -23.55 9.22 4.95
N PRO A 29 -24.32 10.20 4.42
CA PRO A 29 -23.84 10.96 3.26
C PRO A 29 -22.95 12.17 3.62
N LYS A 30 -22.61 12.35 4.89
CA LYS A 30 -21.77 13.49 5.29
C LYS A 30 -20.41 13.02 5.84
N GLN A 31 -19.77 12.10 5.14
CA GLN A 31 -18.52 11.52 5.64
C GLN A 31 -17.27 12.27 5.17
N SER A 32 -16.22 12.21 5.98
CA SER A 32 -14.90 12.73 5.65
C SER A 32 -13.90 11.56 5.51
N PRO A 33 -12.78 11.78 4.82
CA PRO A 33 -12.35 13.05 4.21
C PRO A 33 -12.82 13.13 2.78
N ILE A 34 -12.59 14.30 2.20
CA ILE A 34 -12.87 14.53 0.80
C ILE A 34 -11.69 15.18 0.06
N ASN A 35 -11.76 15.14 -1.26
CA ASN A 35 -10.89 15.97 -2.08
C ASN A 35 -11.48 17.38 -2.22
N ILE A 36 -10.63 18.41 -2.14
CA ILE A 36 -11.07 19.79 -2.41
C ILE A 36 -10.34 20.41 -3.61
N ASP A 37 -11.10 20.80 -4.63
CA ASP A 37 -10.58 21.56 -5.77
C ASP A 37 -11.03 23.01 -5.65
N GLU A 38 -10.06 23.92 -5.64
CA GLU A 38 -10.28 25.34 -5.45
C GLU A 38 -11.40 25.91 -6.35
N ASP A 39 -11.34 25.61 -7.64
CA ASP A 39 -12.33 26.17 -8.57
C ASP A 39 -13.73 25.61 -8.36
N LEU A 40 -13.86 24.54 -7.57
CA LEU A 40 -15.16 23.93 -7.33
C LEU A 40 -15.74 24.37 -6.01
N THR A 41 -15.06 25.27 -5.33
CA THR A 41 -15.52 25.74 -4.03
C THR A 41 -16.31 27.03 -4.23
N GLN A 42 -16.99 27.46 -3.18
CA GLN A 42 -17.71 28.72 -3.22
C GLN A 42 -17.02 29.73 -2.32
N VAL A 43 -16.42 30.76 -2.90
CA VAL A 43 -15.81 31.80 -2.10
C VAL A 43 -16.90 32.53 -1.31
N ASN A 44 -16.67 32.70 -0.01
CA ASN A 44 -17.65 33.31 0.85
C ASN A 44 -17.04 34.40 1.74
N VAL A 45 -17.30 35.65 1.38
CA VAL A 45 -16.75 36.79 2.13
C VAL A 45 -17.31 36.86 3.55
N ASN A 46 -18.51 36.33 3.74
CA ASN A 46 -19.17 36.36 5.04
C ASN A 46 -18.47 35.54 6.11
N LEU A 47 -17.53 34.70 5.71
CA LEU A 47 -16.81 33.82 6.65
C LEU A 47 -16.07 34.63 7.72
N LYS A 48 -16.16 34.17 8.96
CA LYS A 48 -15.48 34.82 10.08
C LYS A 48 -14.00 34.44 10.17
N LYS A 49 -13.13 35.44 10.16
CA LYS A 49 -11.70 35.19 10.24
C LYS A 49 -11.39 34.30 11.43
N LEU A 50 -10.39 33.44 11.28
CA LEU A 50 -10.04 32.50 12.34
C LEU A 50 -9.39 33.20 13.54
N LYS A 51 -9.86 32.85 14.74
CA LYS A 51 -9.39 33.48 15.97
C LYS A 51 -8.82 32.43 16.93
N PHE A 52 -7.54 32.57 17.27
CA PHE A 52 -6.90 31.64 18.17
C PHE A 52 -6.61 32.30 19.52
N GLN A 53 -7.00 31.62 20.59
CA GLN A 53 -6.82 32.17 21.92
C GLN A 53 -6.02 31.17 22.75
N GLY A 54 -4.81 31.57 23.15
CA GLY A 54 -3.96 30.74 24.00
C GLY A 54 -3.01 29.82 23.24
N TRP A 55 -3.04 29.88 21.92
CA TRP A 55 -2.24 29.00 21.09
C TRP A 55 -0.76 29.40 21.09
N ASP A 56 -0.50 30.69 21.30
CA ASP A 56 0.88 31.18 21.33
C ASP A 56 1.59 30.94 22.67
N LYS A 57 0.84 30.41 23.65
CA LYS A 57 1.40 30.10 24.96
C LYS A 57 2.07 28.73 24.97
N THR A 58 3.07 28.56 25.84
CA THR A 58 3.76 27.28 25.98
C THR A 58 2.83 26.15 26.42
N SER A 59 3.01 24.97 25.85
CA SER A 59 2.23 23.80 26.24
C SER A 59 2.50 23.42 27.70
N LEU A 60 1.45 23.04 28.42
CA LEU A 60 1.60 22.64 29.82
C LEU A 60 2.39 21.33 30.00
N GLU A 61 2.94 21.15 31.20
CA GLU A 61 3.82 20.03 31.50
C GLU A 61 3.16 18.65 31.47
N ASN A 62 1.84 18.60 31.61
CA ASN A 62 1.15 17.31 31.57
C ASN A 62 0.54 16.99 30.21
N THR A 63 1.15 17.48 29.14
CA THR A 63 0.67 17.19 27.79
C THR A 63 1.31 15.91 27.29
N PHE A 64 0.50 14.88 27.07
CA PHE A 64 1.03 13.58 26.66
C PHE A 64 0.76 13.23 25.21
N ILE A 65 1.71 12.54 24.60
CA ILE A 65 1.47 11.91 23.29
C ILE A 65 1.25 10.42 23.57
N HIS A 66 0.48 9.74 22.71
CA HIS A 66 0.05 8.37 23.00
C HIS A 66 -0.13 7.58 21.72
N ASN A 67 0.52 6.42 21.65
CA ASN A 67 0.40 5.54 20.50
C ASN A 67 -0.82 4.64 20.68
N THR A 68 -1.88 4.93 19.94
CA THR A 68 -3.14 4.20 20.12
C THR A 68 -3.20 2.93 19.28
N GLY A 69 -2.20 2.74 18.41
CA GLY A 69 -2.23 1.65 17.44
C GLY A 69 -2.83 2.04 16.10
N LYS A 70 -3.55 3.15 16.07
CA LYS A 70 -4.14 3.64 14.83
C LYS A 70 -3.51 4.98 14.48
N THR A 71 -2.89 5.61 15.47
CA THR A 71 -2.27 6.91 15.25
C THR A 71 -1.44 7.24 16.46
N VAL A 72 -0.78 8.39 16.44
CA VAL A 72 -0.16 8.92 17.64
C VAL A 72 -1.00 10.15 18.01
N GLU A 73 -1.58 10.13 19.21
CA GLU A 73 -2.52 11.16 19.60
C GLU A 73 -1.91 12.06 20.64
N ILE A 74 -2.10 13.36 20.50
CA ILE A 74 -1.65 14.29 21.53
C ILE A 74 -2.87 14.76 22.30
N ASN A 75 -2.87 14.55 23.62
CA ASN A 75 -3.97 15.00 24.46
C ASN A 75 -3.64 16.37 25.07
N LEU A 76 -4.23 17.42 24.51
CA LEU A 76 -3.90 18.78 24.88
C LEU A 76 -4.47 19.12 26.25
N THR A 77 -3.79 20.02 26.95
CA THR A 77 -4.11 20.36 28.33
C THR A 77 -4.39 21.84 28.53
N ASN A 78 -3.71 22.68 27.75
CA ASN A 78 -3.93 24.13 27.83
C ASN A 78 -5.36 24.53 27.50
N ASP A 79 -5.71 25.76 27.87
CA ASP A 79 -7.00 26.31 27.46
C ASP A 79 -6.86 26.89 26.06
N TYR A 80 -6.79 26.02 25.07
CA TYR A 80 -6.69 26.45 23.69
C TYR A 80 -8.08 26.67 23.13
N ARG A 81 -8.41 27.90 22.80
CA ARG A 81 -9.74 28.21 22.27
C ARG A 81 -9.64 28.65 20.82
N VAL A 82 -10.65 28.32 20.03
CA VAL A 82 -10.64 28.69 18.62
C VAL A 82 -12.05 28.97 18.10
N SER A 83 -12.17 29.96 17.21
CA SER A 83 -13.45 30.32 16.61
C SER A 83 -13.26 30.90 15.21
N GLY A 84 -14.35 31.01 14.46
CA GLY A 84 -14.30 31.59 13.13
C GLY A 84 -14.85 30.66 12.08
N GLY A 85 -14.81 31.08 10.83
CA GLY A 85 -15.38 30.30 9.75
C GLY A 85 -16.88 30.53 9.70
N VAL A 86 -17.66 29.49 9.95
CA VAL A 86 -19.11 29.57 9.79
C VAL A 86 -19.81 30.19 11.00
N SER A 87 -19.05 30.57 12.01
CA SER A 87 -19.64 31.04 13.26
C SER A 87 -18.61 31.67 14.20
N GLU A 88 -19.09 32.40 15.20
CA GLU A 88 -18.21 33.01 16.20
C GLU A 88 -18.21 32.23 17.51
N MET A 89 -18.88 31.07 17.50
CA MET A 89 -18.87 30.17 18.65
C MET A 89 -17.46 29.67 18.95
N VAL A 90 -17.07 29.74 20.22
CA VAL A 90 -15.74 29.33 20.64
C VAL A 90 -15.67 27.85 20.97
N PHE A 91 -14.69 27.16 20.39
CA PHE A 91 -14.48 25.74 20.70
C PHE A 91 -13.20 25.57 21.52
N LYS A 92 -13.06 24.44 22.18
CA LYS A 92 -11.81 24.11 22.85
C LYS A 92 -11.05 23.00 22.12
N ALA A 93 -9.80 23.28 21.74
CA ALA A 93 -8.98 22.29 21.06
C ALA A 93 -8.42 21.28 22.06
N SER A 94 -8.66 19.99 21.85
CA SER A 94 -8.28 19.02 22.86
C SER A 94 -7.42 17.83 22.41
N LYS A 95 -7.44 17.52 21.11
CA LYS A 95 -6.69 16.36 20.60
C LYS A 95 -6.02 16.63 19.26
N ILE A 96 -4.85 16.02 19.04
CA ILE A 96 -4.20 16.13 17.74
C ILE A 96 -3.91 14.74 17.26
N THR A 97 -4.25 14.44 16.01
CA THR A 97 -3.86 13.15 15.47
C THR A 97 -3.12 13.29 14.15
N PHE A 98 -2.41 12.23 13.79
CA PHE A 98 -1.57 12.24 12.59
C PHE A 98 -1.90 11.07 11.67
N HIS A 99 -1.82 11.32 10.37
CA HIS A 99 -2.07 10.31 9.35
C HIS A 99 -0.95 10.36 8.30
N TRP A 100 -0.38 9.20 8.02
CA TRP A 100 0.78 9.13 7.15
C TRP A 100 0.72 7.87 6.29
N GLY A 101 1.65 7.79 5.33
CA GLY A 101 1.67 6.69 4.40
C GLY A 101 2.85 5.79 4.69
N LYS A 102 3.81 5.73 3.78
CA LYS A 102 5.06 4.99 4.00
C LYS A 102 6.22 5.94 4.32
N CYS A 103 5.92 7.22 4.47
CA CYS A 103 6.89 8.20 5.01
C CYS A 103 8.08 8.53 4.14
N ASN A 104 7.87 8.65 2.84
CA ASN A 104 8.84 9.37 2.04
C ASN A 104 8.14 10.50 1.29
N MET A 105 8.92 11.38 0.68
CA MET A 105 8.39 12.61 0.10
C MET A 105 7.34 12.33 -0.96
N SER A 106 7.43 11.16 -1.59
CA SER A 106 6.52 10.81 -2.68
C SER A 106 5.38 9.93 -2.23
N SER A 107 5.28 9.67 -0.93
CA SER A 107 4.22 8.81 -0.43
C SER A 107 2.95 9.61 -0.20
N ASP A 108 1.81 8.96 -0.38
CA ASP A 108 0.52 9.56 -0.04
C ASP A 108 0.08 9.03 1.31
N GLY A 109 -0.13 9.91 2.27
CA GLY A 109 -0.55 9.48 3.59
C GLY A 109 -1.66 10.30 4.20
N SER A 110 -1.98 11.43 3.58
CA SER A 110 -3.02 12.32 4.07
C SER A 110 -4.39 11.75 3.81
N GLU A 111 -5.37 12.28 4.53
CA GLU A 111 -6.75 11.89 4.35
C GLU A 111 -7.43 12.83 3.38
N HIS A 112 -7.29 14.13 3.64
CA HIS A 112 -7.75 15.13 2.71
C HIS A 112 -6.75 15.26 1.58
N SER A 113 -7.21 15.79 0.45
CA SER A 113 -6.33 16.14 -0.66
C SER A 113 -6.76 17.50 -1.21
N LEU A 114 -5.84 18.14 -1.93
CA LEU A 114 -6.12 19.40 -2.59
C LEU A 114 -5.79 19.27 -4.08
N GLU A 115 -6.75 19.63 -4.92
CA GLU A 115 -6.53 19.54 -6.36
C GLU A 115 -6.17 18.11 -6.75
N GLY A 116 -6.70 17.13 -6.01
CA GLY A 116 -6.41 15.74 -6.28
C GLY A 116 -5.05 15.26 -5.79
N GLN A 117 -4.25 16.18 -5.26
CA GLN A 117 -2.94 15.83 -4.70
C GLN A 117 -3.01 15.45 -3.21
N LYS A 118 -2.58 14.24 -2.89
CA LYS A 118 -2.44 13.85 -1.48
C LYS A 118 -1.05 14.27 -0.98
N PHE A 119 -0.88 14.25 0.33
CA PHE A 119 0.37 14.68 0.96
C PHE A 119 0.91 13.58 1.87
N PRO A 120 2.24 13.61 2.13
CA PRO A 120 2.94 12.59 2.92
C PRO A 120 2.47 12.49 4.37
N LEU A 121 1.88 13.57 4.88
CA LEU A 121 1.44 13.61 6.28
C LEU A 121 0.29 14.60 6.43
N GLU A 122 -0.63 14.27 7.33
CA GLU A 122 -1.68 15.20 7.72
C GLU A 122 -1.81 15.24 9.24
N MET A 123 -1.96 16.44 9.78
CA MET A 123 -2.20 16.60 11.19
C MET A 123 -3.61 17.14 11.32
N GLN A 124 -4.34 16.64 12.32
CA GLN A 124 -5.71 17.07 12.54
C GLN A 124 -5.89 17.45 13.99
N ILE A 125 -6.51 18.59 14.22
CA ILE A 125 -6.70 19.08 15.58
C ILE A 125 -8.18 19.09 15.85
N TYR A 126 -8.62 18.34 16.88
CA TYR A 126 -10.05 18.20 17.18
C TYR A 126 -10.49 19.12 18.32
N CYS A 127 -11.69 19.69 18.16
CA CYS A 127 -12.24 20.67 19.09
C CYS A 127 -13.73 20.43 19.36
N PHE A 128 -14.19 20.83 20.55
CA PHE A 128 -15.60 20.67 20.94
C PHE A 128 -16.06 21.88 21.75
N ASP A 129 -17.36 21.97 22.00
CA ASP A 129 -17.90 23.07 22.81
C ASP A 129 -17.80 22.78 24.32
N ALA A 130 -16.82 23.38 24.97
CA ALA A 130 -16.51 23.08 26.36
C ALA A 130 -17.63 23.46 27.33
N ASP A 131 -18.48 24.39 26.92
CA ASP A 131 -19.62 24.76 27.74
C ASP A 131 -20.62 23.60 27.82
N ARG A 132 -20.92 23.01 26.68
CA ARG A 132 -21.88 21.90 26.59
C ARG A 132 -21.35 20.57 27.15
N PHE A 133 -20.04 20.33 27.00
CA PHE A 133 -19.48 19.03 27.37
C PHE A 133 -18.22 19.14 28.21
N SER A 134 -17.91 18.08 28.95
CA SER A 134 -16.77 18.06 29.85
C SER A 134 -15.49 17.61 29.16
N SER A 135 -15.62 16.85 28.09
CA SER A 135 -14.47 16.35 27.34
C SER A 135 -14.85 16.10 25.90
N PHE A 136 -13.85 15.97 25.04
CA PHE A 136 -14.09 15.69 23.63
C PHE A 136 -14.85 14.36 23.47
N GLU A 137 -14.44 13.35 24.24
CA GLU A 137 -15.07 12.03 24.16
C GLU A 137 -16.55 12.12 24.49
N GLU A 138 -16.89 12.89 25.53
CA GLU A 138 -18.29 13.12 25.89
C GLU A 138 -19.05 13.83 24.78
N ALA A 139 -18.42 14.83 24.17
CA ALA A 139 -19.02 15.51 23.02
C ALA A 139 -19.32 14.52 21.90
N VAL A 140 -18.37 13.64 21.60
CA VAL A 140 -18.58 12.66 20.55
C VAL A 140 -19.74 11.73 20.91
N LYS A 141 -19.71 11.22 22.12
CA LYS A 141 -20.74 10.32 22.61
C LYS A 141 -22.11 10.98 22.54
N GLY A 142 -22.16 12.28 22.77
CA GLY A 142 -23.43 13.01 22.77
C GLY A 142 -23.80 13.65 21.45
N LYS A 143 -23.02 13.38 20.40
CA LYS A 143 -23.28 13.97 19.09
C LYS A 143 -23.33 15.50 19.12
N GLY A 144 -22.45 16.12 19.90
CA GLY A 144 -22.43 17.58 19.95
C GLY A 144 -21.76 18.12 18.71
N LYS A 145 -21.68 19.44 18.61
CA LYS A 145 -21.01 20.08 17.47
C LYS A 145 -19.52 19.95 17.64
N LEU A 146 -18.85 19.50 16.58
CA LEU A 146 -17.42 19.32 16.62
C LEU A 146 -16.76 20.16 15.54
N ARG A 147 -15.53 20.56 15.80
CA ARG A 147 -14.78 21.29 14.79
C ARG A 147 -13.40 20.69 14.71
N ALA A 148 -12.89 20.54 13.49
CA ALA A 148 -11.55 20.00 13.32
C ALA A 148 -10.80 20.80 12.28
N LEU A 149 -9.50 20.95 12.49
CA LEU A 149 -8.64 21.63 11.54
C LEU A 149 -7.65 20.65 10.95
N SER A 150 -7.46 20.72 9.64
CA SER A 150 -6.57 19.84 8.91
C SER A 150 -5.36 20.62 8.38
N ILE A 151 -4.17 20.14 8.74
CA ILE A 151 -2.91 20.72 8.29
C ILE A 151 -2.16 19.70 7.43
N LEU A 152 -1.80 20.10 6.22
CA LEU A 152 -1.18 19.18 5.27
C LEU A 152 0.30 19.50 5.15
N PHE A 153 1.11 18.47 4.96
CA PHE A 153 2.56 18.60 5.04
C PHE A 153 3.26 18.29 3.72
N GLU A 154 4.33 19.02 3.47
CA GLU A 154 5.27 18.67 2.41
C GLU A 154 6.68 18.47 2.98
N VAL A 155 7.47 17.65 2.32
CA VAL A 155 8.85 17.46 2.76
C VAL A 155 9.74 18.53 2.17
N GLY A 156 10.43 19.26 3.04
CA GLY A 156 11.35 20.29 2.62
C GLY A 156 12.79 19.88 2.87
N THR A 157 13.71 20.81 2.66
CA THR A 157 15.12 20.49 2.83
C THR A 157 15.57 20.53 4.29
N GLU A 158 14.95 21.37 5.11
CA GLU A 158 15.47 21.57 6.45
C GLU A 158 14.58 21.10 7.59
N GLU A 159 15.21 20.89 8.74
CA GLU A 159 14.49 20.44 9.92
C GLU A 159 13.58 21.56 10.40
N ASN A 160 12.29 21.28 10.49
CA ASN A 160 11.34 22.26 11.00
C ASN A 160 11.41 22.26 12.52
N LEU A 161 12.04 23.29 13.07
CA LEU A 161 12.32 23.35 14.50
C LEU A 161 11.06 23.50 15.36
N ASP A 162 9.99 24.05 14.79
CA ASP A 162 8.72 24.15 15.52
C ASP A 162 8.17 22.77 15.90
N PHE A 163 8.61 21.74 15.18
CA PHE A 163 8.07 20.40 15.40
C PHE A 163 9.01 19.49 16.21
N LYS A 164 10.14 20.04 16.64
CA LYS A 164 11.16 19.21 17.27
C LYS A 164 10.61 18.43 18.48
N ALA A 165 9.83 19.11 19.33
CA ALA A 165 9.24 18.46 20.50
C ALA A 165 8.25 17.37 20.11
N ILE A 166 7.47 17.62 19.07
CA ILE A 166 6.48 16.63 18.62
C ILE A 166 7.19 15.40 18.06
N ILE A 167 8.16 15.63 17.20
CA ILE A 167 8.92 14.54 16.58
C ILE A 167 9.63 13.69 17.63
N ASP A 168 10.23 14.33 18.62
CA ASP A 168 10.84 13.61 19.74
C ASP A 168 9.80 12.75 20.46
N GLY A 169 8.59 13.28 20.62
CA GLY A 169 7.53 12.53 21.28
C GLY A 169 7.12 11.29 20.50
N VAL A 170 6.98 11.42 19.18
CA VAL A 170 6.63 10.27 18.35
C VAL A 170 7.68 9.17 18.48
N GLU A 171 8.94 9.56 18.48
CA GLU A 171 10.04 8.61 18.73
C GLU A 171 9.82 7.90 20.06
N SER A 172 9.33 8.63 21.05
CA SER A 172 9.20 8.08 22.41
C SER A 172 8.07 7.08 22.58
N VAL A 173 7.12 7.07 21.64
CA VAL A 173 5.99 6.18 21.75
C VAL A 173 5.85 5.21 20.58
N SER A 174 6.98 4.74 20.05
CA SER A 174 6.95 3.74 18.99
C SER A 174 6.22 2.49 19.49
N ARG A 175 6.37 2.19 20.77
CA ARG A 175 5.79 0.97 21.33
C ARG A 175 4.27 1.11 21.47
N PHE A 176 3.55 0.08 21.02
CA PHE A 176 2.10 0.09 21.03
C PHE A 176 1.54 0.40 22.42
N GLY A 177 0.71 1.43 22.49
CA GLY A 177 0.03 1.79 23.72
C GLY A 177 0.81 2.75 24.59
N LYS A 178 2.05 3.04 24.19
CA LYS A 178 2.94 3.80 25.08
C LYS A 178 2.48 5.26 25.18
N GLN A 179 2.65 5.87 26.35
CA GLN A 179 2.39 7.30 26.52
C GLN A 179 3.64 7.98 27.03
N ALA A 180 3.90 9.21 26.59
CA ALA A 180 5.07 9.96 27.06
C ALA A 180 4.76 11.45 27.13
N ALA A 181 5.31 12.15 28.12
CA ALA A 181 5.12 13.59 28.22
C ALA A 181 5.90 14.32 27.12
N LEU A 182 5.30 15.35 26.55
CA LEU A 182 5.98 16.15 25.51
C LEU A 182 6.77 17.31 26.08
N ASP A 183 7.97 17.52 25.54
CA ASP A 183 8.73 18.74 25.80
C ASP A 183 7.88 19.93 25.39
N PRO A 184 8.16 21.10 25.97
CA PRO A 184 7.42 22.33 25.65
C PRO A 184 7.29 22.56 24.15
N PHE A 185 6.11 22.95 23.68
CA PHE A 185 5.95 23.34 22.29
C PHE A 185 4.88 24.43 22.16
N ILE A 186 4.83 25.07 21.01
CA ILE A 186 3.89 26.16 20.81
C ILE A 186 2.90 25.82 19.70
N LEU A 187 1.64 25.64 20.09
CA LEU A 187 0.62 25.11 19.19
C LEU A 187 0.42 25.98 17.94
N LEU A 188 0.48 27.30 18.09
CA LEU A 188 0.30 28.18 16.96
C LEU A 188 1.41 27.98 15.91
N ASN A 189 2.61 27.64 16.36
CA ASN A 189 3.73 27.44 15.46
C ASN A 189 3.64 26.16 14.63
N LEU A 190 2.68 25.29 14.97
CA LEU A 190 2.44 24.09 14.19
C LEU A 190 1.55 24.34 12.97
N LEU A 191 0.93 25.51 12.90
CA LEU A 191 0.04 25.84 11.79
C LEU A 191 0.85 26.42 10.63
N PRO A 192 0.26 26.44 9.42
CA PRO A 192 0.95 27.05 8.26
C PRO A 192 1.25 28.51 8.51
N ASN A 193 2.25 29.03 7.79
CA ASN A 193 2.68 30.42 7.89
C ASN A 193 1.53 31.41 7.95
N SER A 194 0.57 31.27 7.04
CA SER A 194 -0.62 32.12 7.04
C SER A 194 -1.89 31.28 7.01
N THR A 195 -2.86 31.68 7.81
CA THR A 195 -4.06 30.88 8.03
C THR A 195 -5.33 31.52 7.49
N ASP A 196 -5.20 32.64 6.79
CA ASP A 196 -6.38 33.33 6.26
C ASP A 196 -6.98 32.63 5.04
N LYS A 197 -6.19 31.79 4.37
CA LYS A 197 -6.66 31.00 3.23
C LYS A 197 -7.10 29.60 3.68
N TYR A 198 -8.41 29.35 3.72
CA TYR A 198 -8.85 28.03 4.17
C TYR A 198 -10.17 27.60 3.52
N TYR A 199 -10.45 26.30 3.62
CA TYR A 199 -11.71 25.75 3.14
C TYR A 199 -12.50 25.26 4.33
N ILE A 200 -13.81 25.18 4.18
CA ILE A 200 -14.61 24.64 5.26
C ILE A 200 -15.77 23.84 4.66
N TYR A 201 -16.07 22.69 5.27
CA TYR A 201 -17.23 21.89 4.82
C TYR A 201 -17.81 21.06 5.96
N ASN A 202 -19.02 20.54 5.77
CA ASN A 202 -19.68 19.71 6.78
C ASN A 202 -19.25 18.27 6.58
N GLY A 203 -18.65 17.67 7.60
CA GLY A 203 -18.18 16.30 7.49
C GLY A 203 -18.23 15.53 8.78
N SER A 204 -17.24 14.67 9.00
CA SER A 204 -17.32 13.69 10.08
C SER A 204 -15.96 13.29 10.61
N LEU A 205 -15.95 12.51 11.69
CA LEU A 205 -14.73 11.83 12.11
C LEU A 205 -14.32 10.85 11.02
N THR A 206 -13.02 10.66 10.84
CA THR A 206 -12.53 9.83 9.74
C THR A 206 -12.27 8.38 10.16
N SER A 207 -12.76 8.00 11.34
CA SER A 207 -12.72 6.62 11.80
C SER A 207 -13.91 6.38 12.72
N PRO A 208 -14.28 5.10 12.93
CA PRO A 208 -15.44 4.79 13.78
C PRO A 208 -15.37 5.55 15.10
N PRO A 209 -16.52 6.02 15.63
CA PRO A 209 -17.88 5.82 15.09
C PRO A 209 -18.27 6.74 13.92
N CYS A 210 -17.34 7.51 13.35
CA CYS A 210 -17.63 8.27 12.13
C CYS A 210 -18.67 9.38 12.35
N THR A 211 -18.75 9.86 13.59
CA THR A 211 -19.73 10.88 13.98
C THR A 211 -19.81 12.03 12.98
N ASP A 212 -21.05 12.34 12.59
CA ASP A 212 -21.44 13.13 11.43
C ASP A 212 -21.57 14.62 11.65
N THR A 213 -20.91 15.18 12.65
CA THR A 213 -21.27 16.50 13.09
C THR A 213 -20.06 17.41 13.18
N VAL A 214 -19.08 17.17 12.32
CA VAL A 214 -17.82 17.89 12.35
C VAL A 214 -17.80 18.90 11.22
N ASP A 215 -17.61 20.17 11.57
CA ASP A 215 -17.23 21.18 10.59
C ASP A 215 -15.70 21.19 10.42
N TRP A 216 -15.23 20.88 9.22
CA TRP A 216 -13.80 20.81 8.95
C TRP A 216 -13.28 22.14 8.40
N ILE A 217 -12.14 22.59 8.93
CA ILE A 217 -11.40 23.67 8.33
C ILE A 217 -10.10 23.09 7.78
N VAL A 218 -9.89 23.21 6.47
CA VAL A 218 -8.69 22.69 5.82
C VAL A 218 -7.85 23.84 5.26
N PHE A 219 -6.62 24.00 5.74
CA PHE A 219 -5.79 25.12 5.31
C PHE A 219 -5.20 24.92 3.92
N LYS A 220 -5.20 25.98 3.11
CA LYS A 220 -4.65 25.88 1.75
C LYS A 220 -3.13 25.70 1.78
N ASP A 221 -2.46 26.50 2.61
CA ASP A 221 -1.01 26.46 2.69
C ASP A 221 -0.50 25.25 3.48
N THR A 222 0.64 24.69 3.04
CA THR A 222 1.21 23.51 3.68
C THR A 222 2.30 23.84 4.70
N VAL A 223 2.58 22.88 5.58
CA VAL A 223 3.70 22.97 6.51
C VAL A 223 4.80 22.04 6.01
N SER A 224 6.03 22.49 6.02
CA SER A 224 7.10 21.59 5.57
C SER A 224 7.94 21.05 6.72
N ILE A 225 8.22 19.75 6.64
CA ILE A 225 9.15 19.10 7.55
C ILE A 225 10.21 18.39 6.71
N SER A 226 11.30 17.97 7.33
CA SER A 226 12.38 17.34 6.60
C SER A 226 12.07 15.86 6.43
N GLU A 227 12.85 15.19 5.59
CA GLU A 227 12.66 13.76 5.35
C GLU A 227 12.92 12.94 6.61
N SER A 228 13.87 13.38 7.44
CA SER A 228 14.23 12.64 8.63
C SER A 228 13.17 12.81 9.71
N GLN A 229 12.49 13.94 9.71
CA GLN A 229 11.39 14.14 10.65
C GLN A 229 10.20 13.26 10.27
N LEU A 230 9.86 13.22 8.99
CA LEU A 230 8.75 12.39 8.51
C LEU A 230 8.99 10.90 8.79
N ALA A 231 10.26 10.49 8.75
CA ALA A 231 10.63 9.09 8.91
C ALA A 231 10.21 8.47 10.23
N VAL A 232 10.24 9.26 11.31
CA VAL A 232 9.91 8.73 12.64
C VAL A 232 8.51 8.12 12.74
N PHE A 233 7.58 8.58 11.91
CA PHE A 233 6.22 8.07 12.01
C PHE A 233 6.15 6.60 11.59
N CYS A 234 6.96 6.20 10.62
CA CYS A 234 6.92 4.83 10.15
C CYS A 234 7.66 3.84 11.06
N GLU A 235 8.22 4.35 12.16
CA GLU A 235 8.80 3.50 13.20
C GLU A 235 7.78 3.17 14.30
N VAL A 236 6.58 3.73 14.21
CA VAL A 236 5.56 3.51 15.24
C VAL A 236 5.00 2.11 15.01
N LEU A 237 4.74 1.38 16.10
CA LEU A 237 4.32 -0.02 16.05
C LEU A 237 2.85 -0.19 16.37
N THR A 238 2.24 -1.23 15.80
CA THR A 238 0.83 -1.49 16.05
C THR A 238 0.57 -2.98 16.05
N MET A 239 -0.66 -3.38 16.39
CA MET A 239 -1.05 -4.78 16.40
C MET A 239 -2.15 -4.96 15.38
N GLN A 240 -2.14 -6.05 14.63
CA GLN A 240 -3.19 -6.25 13.64
C GLN A 240 -3.55 -7.71 13.59
N GLN A 241 -4.82 -7.98 13.38
CA GLN A 241 -5.28 -9.36 13.22
C GLN A 241 -5.09 -9.73 11.77
N SER A 242 -4.25 -10.72 11.51
CA SER A 242 -4.02 -11.17 10.15
C SER A 242 -4.45 -12.63 10.03
N GLY A 243 -5.63 -12.86 9.48
CA GLY A 243 -6.17 -14.20 9.50
C GLY A 243 -6.43 -14.58 10.95
N TYR A 244 -6.04 -15.79 11.32
CA TYR A 244 -6.23 -16.30 12.68
C TYR A 244 -5.08 -15.96 13.63
N VAL A 245 -4.25 -14.99 13.26
CA VAL A 245 -3.05 -14.68 14.04
C VAL A 245 -2.98 -13.19 14.37
N MET A 246 -2.59 -12.87 15.59
CA MET A 246 -2.43 -11.48 16.00
C MET A 246 -0.95 -11.15 15.94
N LEU A 247 -0.57 -10.15 15.13
CA LEU A 247 0.84 -9.87 14.89
C LEU A 247 1.13 -8.41 15.16
N MET A 248 2.40 -8.12 15.46
CA MET A 248 2.85 -6.74 15.55
C MET A 248 3.45 -6.28 14.22
N ASP A 249 3.17 -5.04 13.82
CA ASP A 249 3.77 -4.51 12.59
C ASP A 249 3.98 -3.01 12.71
N TYR A 250 4.70 -2.44 11.75
CA TYR A 250 4.82 -0.98 11.71
C TYR A 250 3.48 -0.39 11.32
N LEU A 251 3.16 0.75 11.93
CA LEU A 251 1.93 1.45 11.59
C LEU A 251 2.18 2.31 10.35
N GLN A 252 1.50 1.98 9.25
CA GLN A 252 1.66 2.68 7.97
C GLN A 252 0.31 2.82 7.27
N ASN A 253 0.18 3.81 6.40
CA ASN A 253 -1.04 4.04 5.62
C ASN A 253 -2.29 4.10 6.47
N ASN A 254 -2.24 4.90 7.54
CA ASN A 254 -3.33 4.94 8.50
C ASN A 254 -4.28 6.08 8.17
N PHE A 255 -4.88 6.02 6.98
CA PHE A 255 -5.80 7.04 6.50
C PHE A 255 -7.03 6.38 5.90
N ARG A 256 -8.17 7.04 6.01
CA ARG A 256 -9.39 6.58 5.36
C ARG A 256 -9.41 7.06 3.92
N GLU A 257 -9.92 6.22 3.02
CA GLU A 257 -10.09 6.62 1.63
C GLU A 257 -11.11 7.74 1.50
N GLN A 258 -11.06 8.46 0.39
CA GLN A 258 -11.92 9.63 0.26
C GLN A 258 -13.38 9.31 -0.01
N GLN A 259 -14.25 10.22 0.39
CA GLN A 259 -15.69 10.01 0.34
C GLN A 259 -16.37 10.93 -0.68
N TYR A 260 -17.50 10.49 -1.23
CA TYR A 260 -18.32 11.32 -2.10
C TYR A 260 -18.86 12.51 -1.35
N LYS A 261 -18.88 13.66 -2.02
CA LYS A 261 -19.44 14.89 -1.46
C LYS A 261 -20.97 14.85 -1.32
N PHE A 262 -21.63 14.13 -2.21
CA PHE A 262 -23.10 14.01 -2.12
C PHE A 262 -23.80 15.37 -1.94
N SER A 263 -23.51 16.32 -2.82
CA SER A 263 -24.22 17.62 -2.80
C SER A 263 -23.71 18.60 -1.76
N ARG A 264 -22.76 18.18 -0.95
CA ARG A 264 -22.15 19.09 0.00
C ARG A 264 -21.44 20.19 -0.74
N GLN A 265 -21.46 21.40 -0.19
CA GLN A 265 -20.69 22.49 -0.77
C GLN A 265 -19.41 22.67 0.03
N VAL A 266 -18.34 23.08 -0.65
CA VAL A 266 -17.14 23.45 0.06
C VAL A 266 -17.00 24.96 -0.02
N PHE A 267 -16.77 25.61 1.11
CA PHE A 267 -16.69 27.06 1.15
C PHE A 267 -15.23 27.44 1.26
N SER A 268 -14.90 28.61 0.73
CA SER A 268 -13.52 29.04 0.68
C SER A 268 -13.45 30.45 1.22
N SER A 269 -12.40 30.73 1.99
CA SER A 269 -12.18 32.08 2.50
C SER A 269 -11.79 33.02 1.36
N TYR A 270 -11.89 34.32 1.61
CA TYR A 270 -11.54 35.30 0.59
C TYR A 270 -10.35 36.15 1.05
N THR A 271 -9.29 36.14 0.25
CA THR A 271 -8.10 36.92 0.57
C THR A 271 -7.57 37.66 -0.66
N PRO B 1 -3.60 7.79 -17.70
CA PRO B 1 -2.51 7.98 -16.74
C PRO B 1 -3.07 8.24 -15.36
N GLY B 2 -2.73 9.39 -14.78
CA GLY B 2 -3.29 9.84 -13.54
C GLY B 2 -2.88 9.04 -12.32
N SER B 3 -3.00 7.72 -12.44
CA SER B 3 -2.65 6.83 -11.35
C SER B 3 -1.56 5.86 -11.77
N GLU B 4 -0.64 6.31 -12.63
CA GLU B 4 0.49 5.49 -13.02
C GLU B 4 1.53 5.46 -11.91
N GLU B 5 2.22 4.33 -11.78
CA GLU B 5 3.19 4.14 -10.71
C GLU B 5 4.50 4.87 -10.98
N ILE B 6 5.26 5.12 -9.91
CA ILE B 6 6.60 5.69 -10.02
C ILE B 6 7.52 4.79 -10.84
N GLY B 7 8.23 5.37 -11.79
CA GLY B 7 9.10 4.60 -12.67
C GLY B 7 10.23 3.88 -11.96
N TRP B 8 10.47 2.62 -12.33
CA TRP B 8 11.60 1.86 -11.80
C TRP B 8 12.24 1.03 -12.90
N SER B 9 13.49 0.61 -12.69
CA SER B 9 14.20 -0.25 -13.64
C SER B 9 14.96 -1.31 -12.89
N TYR B 10 15.43 -2.34 -13.59
CA TYR B 10 16.32 -3.32 -12.97
C TYR B 10 17.74 -2.76 -12.92
N THR B 11 18.13 -2.05 -13.98
CA THR B 11 19.48 -1.52 -14.08
C THR B 11 19.53 -0.07 -14.57
N GLY B 12 18.39 0.46 -14.98
CA GLY B 12 18.32 1.83 -15.46
C GLY B 12 18.23 2.85 -14.35
N ALA B 13 17.43 3.89 -14.57
CA ALA B 13 17.15 4.86 -13.53
C ALA B 13 16.42 4.16 -12.39
N LEU B 14 16.70 4.57 -11.16
CA LEU B 14 16.15 3.87 -10.01
C LEU B 14 16.29 2.38 -10.26
N ASN B 15 17.52 1.88 -10.23
CA ASN B 15 17.78 0.46 -10.38
C ASN B 15 17.40 -0.29 -9.12
N GLN B 16 17.38 -1.63 -9.18
CA GLN B 16 16.83 -2.42 -8.09
C GLN B 16 17.50 -2.13 -6.75
N LYS B 17 18.79 -1.83 -6.76
CA LYS B 17 19.46 -1.45 -5.52
C LYS B 17 18.82 -0.22 -4.90
N ASN B 18 18.18 0.60 -5.71
CA ASN B 18 17.62 1.87 -5.23
C ASN B 18 16.09 1.98 -5.18
N TRP B 19 15.39 0.91 -5.54
CA TRP B 19 13.93 0.92 -5.45
C TRP B 19 13.44 1.45 -4.11
N GLY B 20 14.14 1.08 -3.05
CA GLY B 20 13.73 1.43 -1.70
C GLY B 20 13.64 2.93 -1.45
N LYS B 21 14.22 3.74 -2.34
CA LYS B 21 14.17 5.19 -2.18
C LYS B 21 12.78 5.76 -2.45
N LYS B 22 12.00 5.09 -3.30
CA LYS B 22 10.64 5.51 -3.61
C LYS B 22 9.62 4.47 -3.17
N TYR B 23 10.07 3.23 -3.04
CA TYR B 23 9.21 2.14 -2.63
C TYR B 23 9.77 1.46 -1.38
N PRO B 24 9.44 1.98 -0.18
CA PRO B 24 10.11 1.58 1.06
C PRO B 24 10.02 0.07 1.37
N THR B 25 8.97 -0.58 0.91
CA THR B 25 8.80 -1.99 1.27
C THR B 25 9.87 -2.87 0.61
N CYS B 26 10.48 -2.37 -0.45
CA CYS B 26 11.52 -3.13 -1.13
C CYS B 26 12.76 -3.35 -0.26
N ASN B 27 12.85 -2.64 0.86
CA ASN B 27 13.95 -2.87 1.80
C ASN B 27 13.58 -3.76 3.00
N SER B 28 12.38 -4.35 3.01
CA SER B 28 11.95 -5.15 4.15
C SER B 28 12.76 -6.44 4.20
N PRO B 29 12.75 -7.14 5.35
CA PRO B 29 13.56 -8.36 5.46
C PRO B 29 12.83 -9.61 4.96
N LYS B 30 11.68 -9.43 4.31
CA LYS B 30 10.92 -10.57 3.80
C LYS B 30 10.82 -10.54 2.28
N GLN B 31 11.92 -10.23 1.60
CA GLN B 31 11.89 -10.02 0.15
C GLN B 31 12.16 -11.29 -0.66
N SER B 32 11.56 -11.33 -1.84
CA SER B 32 11.81 -12.40 -2.81
C SER B 32 12.56 -11.79 -4.00
N PRO B 33 13.27 -12.63 -4.76
CA PRO B 33 13.35 -14.08 -4.63
C PRO B 33 14.54 -14.54 -3.80
N ILE B 34 14.60 -15.84 -3.56
CA ILE B 34 15.70 -16.44 -2.80
C ILE B 34 16.17 -17.71 -3.50
N ASN B 35 17.30 -18.23 -3.03
CA ASN B 35 17.73 -19.54 -3.47
C ASN B 35 17.23 -20.56 -2.46
N ILE B 36 16.85 -21.73 -2.95
CA ILE B 36 16.41 -22.80 -2.08
C ILE B 36 17.29 -24.03 -2.21
N ASP B 37 17.94 -24.42 -1.12
CA ASP B 37 18.70 -25.68 -1.07
C ASP B 37 17.89 -26.71 -0.31
N GLU B 38 17.59 -27.85 -0.94
CA GLU B 38 16.80 -28.90 -0.29
C GLU B 38 17.30 -29.25 1.13
N ASP B 39 18.61 -29.46 1.26
CA ASP B 39 19.20 -29.84 2.53
C ASP B 39 19.02 -28.82 3.67
N LEU B 40 18.60 -27.62 3.33
CA LEU B 40 18.34 -26.60 4.35
C LEU B 40 16.85 -26.33 4.56
N THR B 41 16.00 -27.11 3.90
CA THR B 41 14.56 -26.90 4.06
C THR B 41 14.04 -27.77 5.20
N GLN B 42 12.87 -27.41 5.70
CA GLN B 42 12.20 -28.24 6.69
C GLN B 42 11.08 -29.02 6.03
N VAL B 43 11.18 -30.34 6.07
CA VAL B 43 10.13 -31.20 5.53
C VAL B 43 8.94 -31.20 6.47
N ASN B 44 7.75 -30.92 5.92
CA ASN B 44 6.56 -30.77 6.75
C ASN B 44 5.37 -31.57 6.21
N VAL B 45 4.97 -32.59 6.96
CA VAL B 45 3.88 -33.47 6.56
C VAL B 45 2.50 -32.86 6.83
N ASN B 46 2.45 -31.80 7.62
CA ASN B 46 1.19 -31.11 7.91
C ASN B 46 0.74 -30.22 6.75
N LEU B 47 1.64 -30.01 5.79
CA LEU B 47 1.34 -29.23 4.59
C LEU B 47 0.12 -29.79 3.84
N LYS B 48 -0.76 -28.89 3.39
CA LYS B 48 -1.96 -29.31 2.65
C LYS B 48 -1.64 -29.56 1.18
N LYS B 49 -2.05 -30.73 0.67
CA LYS B 49 -1.94 -31.02 -0.75
C LYS B 49 -2.57 -29.89 -1.57
N LEU B 50 -1.92 -29.54 -2.68
CA LEU B 50 -2.40 -28.47 -3.55
C LEU B 50 -3.70 -28.85 -4.27
N LYS B 51 -4.67 -27.95 -4.24
CA LYS B 51 -5.97 -28.16 -4.84
C LYS B 51 -6.21 -27.10 -5.90
N PHE B 52 -6.31 -27.53 -7.16
CA PHE B 52 -6.60 -26.62 -8.25
C PHE B 52 -8.04 -26.80 -8.71
N GLN B 53 -8.78 -25.70 -8.77
CA GLN B 53 -10.15 -25.75 -9.26
C GLN B 53 -10.30 -24.88 -10.51
N GLY B 54 -10.75 -25.49 -11.60
CA GLY B 54 -10.94 -24.76 -12.84
C GLY B 54 -9.72 -24.68 -13.74
N TRP B 55 -8.57 -25.13 -13.26
CA TRP B 55 -7.34 -25.02 -14.04
C TRP B 55 -7.30 -26.00 -15.20
N ASP B 56 -8.11 -27.06 -15.11
CA ASP B 56 -8.12 -28.10 -16.13
C ASP B 56 -9.06 -27.74 -17.28
N LYS B 57 -9.74 -26.60 -17.18
CA LYS B 57 -10.69 -26.15 -18.19
C LYS B 57 -10.02 -25.19 -19.19
N THR B 58 -10.58 -25.07 -20.38
CA THR B 58 -9.98 -24.24 -21.42
C THR B 58 -10.07 -22.76 -21.09
N SER B 59 -9.03 -22.00 -21.41
CA SER B 59 -9.04 -20.56 -21.16
C SER B 59 -10.16 -19.88 -21.93
N LEU B 60 -10.69 -18.81 -21.36
CA LEU B 60 -11.75 -18.04 -22.01
C LEU B 60 -11.20 -17.21 -23.17
N GLU B 61 -12.10 -16.80 -24.05
CA GLU B 61 -11.74 -16.15 -25.30
C GLU B 61 -11.06 -14.79 -25.10
N ASN B 62 -11.41 -14.08 -24.03
CA ASN B 62 -10.84 -12.76 -23.79
C ASN B 62 -9.62 -12.77 -22.87
N THR B 63 -8.75 -13.76 -23.05
CA THR B 63 -7.50 -13.83 -22.27
C THR B 63 -6.38 -13.17 -23.08
N PHE B 64 -5.85 -12.07 -22.55
CA PHE B 64 -4.85 -11.29 -23.25
C PHE B 64 -3.46 -11.41 -22.64
N ILE B 65 -2.45 -11.37 -23.50
CA ILE B 65 -1.06 -11.24 -23.07
C ILE B 65 -0.60 -9.83 -23.45
N HIS B 66 0.40 -9.30 -22.75
CA HIS B 66 0.61 -7.86 -22.78
C HIS B 66 2.09 -7.53 -22.46
N ASN B 67 2.75 -6.81 -23.36
CA ASN B 67 4.13 -6.39 -23.15
C ASN B 67 4.13 -5.13 -22.30
N THR B 68 4.45 -5.26 -21.02
CA THR B 68 4.41 -4.14 -20.10
C THR B 68 5.69 -3.34 -20.14
N GLY B 69 6.69 -3.84 -20.87
CA GLY B 69 8.00 -3.20 -20.91
C GLY B 69 8.94 -3.77 -19.85
N LYS B 70 8.37 -4.41 -18.84
CA LYS B 70 9.14 -5.06 -17.79
C LYS B 70 9.02 -6.57 -17.90
N THR B 71 7.96 -7.04 -18.57
CA THR B 71 7.73 -8.48 -18.75
C THR B 71 6.62 -8.66 -19.77
N VAL B 72 6.28 -9.90 -20.08
CA VAL B 72 5.03 -10.17 -20.77
C VAL B 72 4.05 -10.78 -19.76
N GLU B 73 2.88 -10.17 -19.64
CA GLU B 73 1.96 -10.51 -18.58
C GLU B 73 0.67 -11.03 -19.18
N ILE B 74 0.16 -12.13 -18.64
CA ILE B 74 -1.14 -12.64 -19.06
C ILE B 74 -2.15 -12.28 -17.99
N ASN B 75 -3.27 -11.69 -18.40
CA ASN B 75 -4.35 -11.36 -17.47
C ASN B 75 -5.42 -12.39 -17.60
N LEU B 76 -5.52 -13.25 -16.59
CA LEU B 76 -6.41 -14.41 -16.62
C LEU B 76 -7.86 -14.00 -16.46
N THR B 77 -8.77 -14.73 -17.11
CA THR B 77 -10.19 -14.42 -17.08
C THR B 77 -11.01 -15.50 -16.36
N ASN B 78 -10.64 -16.77 -16.53
CA ASN B 78 -11.40 -17.86 -15.94
C ASN B 78 -11.47 -17.73 -14.44
N ASP B 79 -12.40 -18.44 -13.83
CA ASP B 79 -12.45 -18.53 -12.38
C ASP B 79 -11.47 -19.61 -11.93
N TYR B 80 -10.20 -19.29 -11.97
CA TYR B 80 -9.17 -20.22 -11.53
C TYR B 80 -8.96 -20.11 -10.02
N ARG B 81 -9.17 -21.21 -9.31
CA ARG B 81 -8.97 -21.17 -7.85
C ARG B 81 -7.92 -22.17 -7.40
N VAL B 82 -7.21 -21.80 -6.34
CA VAL B 82 -6.18 -22.68 -5.80
C VAL B 82 -6.09 -22.57 -4.28
N SER B 83 -5.83 -23.70 -3.61
CA SER B 83 -5.60 -23.69 -2.18
C SER B 83 -4.59 -24.76 -1.81
N GLY B 84 -4.12 -24.74 -0.57
CA GLY B 84 -3.23 -25.78 -0.10
C GLY B 84 -1.92 -25.22 0.42
N GLY B 85 -1.05 -26.11 0.87
CA GLY B 85 0.20 -25.69 1.46
C GLY B 85 -0.03 -25.34 2.92
N VAL B 86 0.18 -24.07 3.26
CA VAL B 86 0.13 -23.65 4.65
C VAL B 86 -1.28 -23.43 5.17
N SER B 87 -2.29 -23.67 4.34
CA SER B 87 -3.69 -23.57 4.79
C SER B 87 -4.64 -23.99 3.68
N GLU B 88 -5.93 -23.98 3.99
CA GLU B 88 -6.97 -24.37 3.04
C GLU B 88 -7.65 -23.15 2.43
N MET B 89 -7.19 -21.96 2.83
CA MET B 89 -7.74 -20.73 2.26
C MET B 89 -7.70 -20.79 0.74
N VAL B 90 -8.78 -20.37 0.10
CA VAL B 90 -8.88 -20.41 -1.35
C VAL B 90 -8.53 -19.09 -2.01
N PHE B 91 -7.65 -19.13 -3.00
CA PHE B 91 -7.18 -17.94 -3.71
C PHE B 91 -7.63 -17.96 -5.17
N LYS B 92 -7.81 -16.76 -5.74
CA LYS B 92 -8.10 -16.65 -7.15
C LYS B 92 -6.85 -16.25 -7.94
N ALA B 93 -6.52 -17.00 -8.97
CA ALA B 93 -5.31 -16.74 -9.75
C ALA B 93 -5.65 -15.83 -10.90
N SER B 94 -4.97 -14.69 -11.01
CA SER B 94 -5.35 -13.72 -12.04
C SER B 94 -4.25 -13.19 -12.96
N LYS B 95 -2.97 -13.35 -12.60
CA LYS B 95 -1.89 -12.84 -13.43
C LYS B 95 -0.76 -13.85 -13.60
N ILE B 96 -0.13 -13.84 -14.76
CA ILE B 96 1.06 -14.64 -15.02
C ILE B 96 2.13 -13.73 -15.62
N THR B 97 3.36 -13.77 -15.08
CA THR B 97 4.45 -12.99 -15.64
C THR B 97 5.62 -13.92 -15.93
N PHE B 98 6.60 -13.44 -16.69
CA PHE B 98 7.75 -14.27 -17.07
C PHE B 98 9.04 -13.49 -16.86
N HIS B 99 10.11 -14.20 -16.52
CA HIS B 99 11.42 -13.59 -16.27
C HIS B 99 12.46 -14.42 -17.00
N TRP B 100 13.32 -13.76 -17.75
CA TRP B 100 14.29 -14.47 -18.56
C TRP B 100 15.63 -13.75 -18.59
N GLY B 101 16.63 -14.40 -19.18
CA GLY B 101 17.97 -13.86 -19.24
C GLY B 101 18.31 -13.42 -20.64
N LYS B 102 19.22 -14.13 -21.30
CA LYS B 102 19.58 -13.81 -22.68
C LYS B 102 18.98 -14.82 -23.66
N CYS B 103 18.18 -15.74 -23.15
CA CYS B 103 17.51 -16.74 -23.98
C CYS B 103 18.47 -17.60 -24.80
N ASN B 104 19.66 -17.84 -24.28
CA ASN B 104 20.57 -18.78 -24.91
C ASN B 104 20.80 -20.00 -24.00
N MET B 105 21.94 -20.66 -24.15
CA MET B 105 22.19 -21.89 -23.41
C MET B 105 22.72 -21.69 -21.99
N SER B 106 23.18 -20.48 -21.68
CA SER B 106 23.53 -20.15 -20.31
C SER B 106 22.28 -20.38 -19.45
N SER B 107 22.47 -20.89 -18.25
CA SER B 107 21.35 -21.31 -17.41
C SER B 107 20.79 -20.18 -16.55
N ASP B 108 20.75 -18.97 -17.09
CA ASP B 108 20.42 -17.80 -16.28
C ASP B 108 19.20 -17.03 -16.82
N GLY B 109 18.46 -16.39 -15.92
CA GLY B 109 17.25 -15.65 -16.26
C GLY B 109 16.14 -15.72 -15.21
N SER B 110 16.11 -16.80 -14.43
CA SER B 110 15.09 -16.94 -13.40
C SER B 110 15.36 -16.05 -12.20
N GLU B 111 14.31 -15.81 -11.41
CA GLU B 111 14.44 -15.07 -10.17
C GLU B 111 14.78 -16.04 -9.04
N HIS B 112 13.99 -17.10 -8.92
CA HIS B 112 14.32 -18.13 -7.93
C HIS B 112 15.42 -19.04 -8.47
N SER B 113 16.15 -19.65 -7.55
CA SER B 113 17.09 -20.71 -7.91
C SER B 113 16.92 -21.89 -6.95
N LEU B 114 17.35 -23.06 -7.43
CA LEU B 114 17.32 -24.28 -6.64
C LEU B 114 18.74 -24.82 -6.58
N GLU B 115 19.24 -25.10 -5.38
CA GLU B 115 20.57 -25.67 -5.25
C GLU B 115 21.57 -24.78 -5.93
N GLY B 116 21.35 -23.47 -5.86
CA GLY B 116 22.30 -22.51 -6.42
C GLY B 116 22.28 -22.45 -7.94
N GLN B 117 21.40 -23.23 -8.56
CA GLN B 117 21.23 -23.27 -10.01
C GLN B 117 20.11 -22.32 -10.44
N LYS B 118 20.41 -21.35 -11.31
CA LYS B 118 19.36 -20.54 -11.92
C LYS B 118 18.88 -21.22 -13.19
N PHE B 119 17.75 -20.75 -13.73
CA PHE B 119 17.18 -21.35 -14.94
C PHE B 119 16.97 -20.29 -16.01
N PRO B 120 16.84 -20.72 -17.28
CA PRO B 120 16.75 -19.77 -18.39
C PRO B 120 15.43 -19.02 -18.42
N LEU B 121 14.41 -19.55 -17.74
CA LEU B 121 13.10 -18.90 -17.75
C LEU B 121 12.37 -19.25 -16.46
N GLU B 122 11.56 -18.31 -15.97
CA GLU B 122 10.68 -18.58 -14.84
C GLU B 122 9.31 -17.98 -15.09
N MET B 123 8.27 -18.76 -14.78
CA MET B 123 6.91 -18.25 -14.89
C MET B 123 6.32 -18.13 -13.50
N GLN B 124 5.62 -17.04 -13.24
CA GLN B 124 5.06 -16.83 -11.91
C GLN B 124 3.58 -16.54 -12.04
N ILE B 125 2.76 -17.25 -11.27
CA ILE B 125 1.32 -17.08 -11.30
C ILE B 125 0.90 -16.43 -9.99
N TYR B 126 0.17 -15.32 -10.07
CA TYR B 126 -0.19 -14.53 -8.89
C TYR B 126 -1.66 -14.63 -8.54
N CYS B 127 -1.96 -14.79 -7.24
CA CYS B 127 -3.32 -15.00 -6.75
C CYS B 127 -3.62 -14.16 -5.52
N PHE B 128 -4.91 -13.94 -5.27
CA PHE B 128 -5.36 -13.09 -4.19
C PHE B 128 -6.67 -13.60 -3.60
N ASP B 129 -7.09 -13.02 -2.48
CA ASP B 129 -8.38 -13.43 -1.91
C ASP B 129 -9.55 -12.66 -2.55
N ALA B 130 -10.29 -13.36 -3.39
CA ALA B 130 -11.34 -12.74 -4.19
C ALA B 130 -12.56 -12.38 -3.36
N ASP B 131 -12.55 -12.79 -2.09
CA ASP B 131 -13.64 -12.50 -1.18
C ASP B 131 -13.40 -11.22 -0.40
N ARG B 132 -12.15 -10.78 -0.32
CA ARG B 132 -11.82 -9.55 0.39
C ARG B 132 -11.64 -8.41 -0.60
N PHE B 133 -11.25 -8.75 -1.82
CA PHE B 133 -10.90 -7.77 -2.83
C PHE B 133 -11.52 -8.10 -4.19
N SER B 134 -11.68 -7.07 -5.00
CA SER B 134 -12.27 -7.21 -6.32
C SER B 134 -11.25 -7.51 -7.41
N SER B 135 -9.97 -7.31 -7.09
CA SER B 135 -8.91 -7.55 -8.07
C SER B 135 -7.55 -7.69 -7.40
N PHE B 136 -6.62 -8.26 -8.14
CA PHE B 136 -5.26 -8.45 -7.64
C PHE B 136 -4.65 -7.11 -7.29
N GLU B 137 -4.83 -6.12 -8.17
CA GLU B 137 -4.30 -4.78 -7.96
C GLU B 137 -4.80 -4.17 -6.65
N GLU B 138 -6.09 -4.32 -6.38
CA GLU B 138 -6.65 -3.84 -5.13
C GLU B 138 -6.07 -4.59 -3.92
N ALA B 139 -5.96 -5.92 -4.06
CA ALA B 139 -5.34 -6.71 -3.01
C ALA B 139 -3.92 -6.21 -2.69
N VAL B 140 -3.12 -5.93 -3.72
CA VAL B 140 -1.74 -5.47 -3.51
C VAL B 140 -1.73 -4.12 -2.81
N LYS B 141 -2.66 -3.26 -3.19
CA LYS B 141 -2.80 -1.93 -2.60
C LYS B 141 -3.18 -2.00 -1.13
N GLY B 142 -4.06 -2.92 -0.77
CA GLY B 142 -4.53 -3.06 0.60
C GLY B 142 -3.73 -4.02 1.44
N LYS B 143 -2.58 -4.46 0.92
CA LYS B 143 -1.71 -5.43 1.61
C LYS B 143 -2.46 -6.69 2.00
N GLY B 144 -3.23 -7.24 1.08
CA GLY B 144 -3.96 -8.47 1.35
C GLY B 144 -3.01 -9.65 1.28
N LYS B 145 -3.49 -10.80 1.72
CA LYS B 145 -2.71 -12.03 1.63
C LYS B 145 -2.59 -12.42 0.16
N LEU B 146 -1.38 -12.64 -0.29
CA LEU B 146 -1.18 -13.01 -1.68
C LEU B 146 -0.53 -14.38 -1.76
N ARG B 147 -0.80 -15.08 -2.85
CA ARG B 147 -0.13 -16.33 -3.12
C ARG B 147 0.44 -16.31 -4.53
N ALA B 148 1.66 -16.81 -4.69
CA ALA B 148 2.25 -16.89 -6.02
C ALA B 148 2.91 -18.25 -6.24
N LEU B 149 2.84 -18.76 -7.47
CA LEU B 149 3.45 -20.03 -7.80
C LEU B 149 4.57 -19.82 -8.80
N SER B 150 5.72 -20.40 -8.52
CA SER B 150 6.89 -20.24 -9.38
C SER B 150 7.19 -21.52 -10.12
N ILE B 151 7.23 -21.43 -11.45
CA ILE B 151 7.52 -22.58 -12.28
C ILE B 151 8.81 -22.30 -13.05
N LEU B 152 9.75 -23.25 -12.97
CA LEU B 152 11.08 -23.05 -13.56
C LEU B 152 11.25 -23.93 -14.77
N PHE B 153 11.99 -23.43 -15.77
CA PHE B 153 12.12 -24.10 -17.07
C PHE B 153 13.53 -24.56 -17.38
N GLU B 154 13.62 -25.68 -18.09
CA GLU B 154 14.87 -26.12 -18.69
C GLU B 154 14.64 -26.25 -20.19
N VAL B 155 15.70 -26.05 -20.97
CA VAL B 155 15.57 -26.16 -22.41
C VAL B 155 15.64 -27.62 -22.86
N GLY B 156 14.56 -28.11 -23.47
CA GLY B 156 14.51 -29.47 -23.95
C GLY B 156 14.86 -29.54 -25.43
N THR B 157 14.65 -30.73 -26.01
CA THR B 157 14.91 -30.96 -27.43
C THR B 157 13.71 -30.60 -28.28
N GLU B 158 12.53 -30.98 -27.82
CA GLU B 158 11.32 -30.82 -28.61
C GLU B 158 10.45 -29.66 -28.15
N GLU B 159 9.56 -29.23 -29.03
CA GLU B 159 8.62 -28.16 -28.71
C GLU B 159 7.65 -28.61 -27.63
N ASN B 160 7.41 -27.77 -26.64
CA ASN B 160 6.38 -28.04 -25.63
C ASN B 160 5.04 -27.53 -26.15
N LEU B 161 4.20 -28.44 -26.62
CA LEU B 161 2.93 -28.07 -27.23
C LEU B 161 1.94 -27.45 -26.23
N ASP B 162 2.12 -27.71 -24.95
CA ASP B 162 1.25 -27.11 -23.94
C ASP B 162 1.45 -25.59 -23.91
N PHE B 163 2.58 -25.14 -24.42
CA PHE B 163 2.91 -23.72 -24.40
C PHE B 163 2.79 -23.06 -25.75
N LYS B 164 2.33 -23.82 -26.76
CA LYS B 164 2.21 -23.24 -28.10
C LYS B 164 1.43 -21.93 -28.11
N ALA B 165 0.27 -21.91 -27.46
CA ALA B 165 -0.55 -20.69 -27.45
C ALA B 165 0.20 -19.53 -26.83
N ILE B 166 0.88 -19.82 -25.74
CA ILE B 166 1.61 -18.82 -24.97
C ILE B 166 2.71 -18.23 -25.83
N ILE B 167 3.54 -19.11 -26.38
CA ILE B 167 4.65 -18.71 -27.23
C ILE B 167 4.19 -17.88 -28.44
N ASP B 168 3.14 -18.34 -29.12
CA ASP B 168 2.55 -17.56 -30.21
C ASP B 168 2.15 -16.15 -29.75
N GLY B 169 1.64 -16.02 -28.53
CA GLY B 169 1.27 -14.72 -27.98
C GLY B 169 2.46 -13.82 -27.69
N VAL B 170 3.52 -14.40 -27.11
CA VAL B 170 4.73 -13.62 -26.85
C VAL B 170 5.28 -13.03 -28.17
N GLU B 171 5.18 -13.82 -29.25
CA GLU B 171 5.62 -13.35 -30.56
C GLU B 171 4.79 -12.16 -30.99
N SER B 172 3.50 -12.21 -30.67
CA SER B 172 2.56 -11.17 -31.13
C SER B 172 2.81 -9.84 -30.44
N VAL B 173 3.49 -9.86 -29.30
CA VAL B 173 3.60 -8.64 -28.50
C VAL B 173 5.02 -8.11 -28.32
N SER B 174 5.85 -8.23 -29.36
CA SER B 174 7.23 -7.71 -29.30
C SER B 174 7.21 -6.21 -29.02
N ARG B 175 6.24 -5.53 -29.61
CA ARG B 175 6.15 -4.06 -29.54
C ARG B 175 5.74 -3.61 -28.13
N PHE B 176 6.45 -2.61 -27.61
CA PHE B 176 6.15 -2.07 -26.28
C PHE B 176 4.65 -1.75 -26.11
N GLY B 177 4.03 -2.27 -25.05
CA GLY B 177 2.65 -1.97 -24.73
C GLY B 177 1.60 -2.75 -25.51
N LYS B 178 2.04 -3.58 -26.44
CA LYS B 178 1.10 -4.28 -27.31
C LYS B 178 0.35 -5.37 -26.55
N GLN B 179 -0.93 -5.57 -26.89
CA GLN B 179 -1.68 -6.69 -26.31
C GLN B 179 -2.16 -7.63 -27.42
N ALA B 180 -2.38 -8.91 -27.11
CA ALA B 180 -2.94 -9.84 -28.08
C ALA B 180 -3.77 -10.93 -27.42
N ALA B 181 -4.88 -11.32 -28.05
CA ALA B 181 -5.71 -12.40 -27.55
C ALA B 181 -4.95 -13.71 -27.68
N LEU B 182 -5.02 -14.56 -26.66
CA LEU B 182 -4.35 -15.86 -26.71
C LEU B 182 -5.25 -16.94 -27.25
N ASP B 183 -4.71 -17.80 -28.11
CA ASP B 183 -5.37 -19.04 -28.49
C ASP B 183 -5.67 -19.86 -27.22
N PRO B 184 -6.57 -20.84 -27.30
CA PRO B 184 -6.97 -21.60 -26.12
C PRO B 184 -5.81 -22.38 -25.47
N PHE B 185 -5.77 -22.37 -24.15
CA PHE B 185 -4.81 -23.19 -23.43
C PHE B 185 -5.36 -23.67 -22.10
N ILE B 186 -4.68 -24.65 -21.54
CA ILE B 186 -5.07 -25.25 -20.27
C ILE B 186 -4.04 -24.87 -19.22
N LEU B 187 -4.47 -24.14 -18.21
CA LEU B 187 -3.55 -23.56 -17.24
C LEU B 187 -2.77 -24.65 -16.53
N LEU B 188 -3.47 -25.73 -16.19
CA LEU B 188 -2.87 -26.80 -15.40
C LEU B 188 -1.69 -27.45 -16.12
N ASN B 189 -1.75 -27.50 -17.45
CA ASN B 189 -0.71 -28.12 -18.26
C ASN B 189 0.53 -27.24 -18.41
N LEU B 190 0.42 -26.01 -17.92
CA LEU B 190 1.56 -25.10 -17.86
C LEU B 190 2.45 -25.42 -16.65
N LEU B 191 1.92 -26.22 -15.73
CA LEU B 191 2.66 -26.64 -14.54
C LEU B 191 3.44 -27.91 -14.78
N PRO B 192 4.45 -28.19 -13.93
CA PRO B 192 5.23 -29.43 -14.00
C PRO B 192 4.30 -30.63 -13.95
N ASN B 193 4.66 -31.70 -14.64
CA ASN B 193 3.89 -32.93 -14.58
C ASN B 193 3.40 -33.26 -13.16
N SER B 194 4.32 -33.22 -12.19
CA SER B 194 3.98 -33.57 -10.81
C SER B 194 4.03 -32.34 -9.89
N THR B 195 2.90 -32.01 -9.29
CA THR B 195 2.80 -30.82 -8.46
C THR B 195 2.74 -31.11 -6.97
N ASP B 196 3.06 -32.34 -6.58
CA ASP B 196 3.05 -32.67 -5.15
C ASP B 196 4.40 -32.41 -4.48
N LYS B 197 5.43 -32.18 -5.29
CA LYS B 197 6.75 -31.86 -4.77
C LYS B 197 7.01 -30.35 -4.88
N TYR B 198 7.01 -29.64 -3.75
CA TYR B 198 7.16 -28.18 -3.81
C TYR B 198 7.78 -27.61 -2.53
N TYR B 199 8.25 -26.37 -2.63
CA TYR B 199 8.71 -25.61 -1.47
C TYR B 199 7.78 -24.46 -1.23
N ILE B 200 7.67 -24.03 0.02
CA ILE B 200 6.87 -22.84 0.30
C ILE B 200 7.64 -21.96 1.29
N TYR B 201 7.56 -20.64 1.10
CA TYR B 201 8.17 -19.71 2.05
C TYR B 201 7.43 -18.37 2.06
N ASN B 202 7.69 -17.57 3.08
CA ASN B 202 7.08 -16.25 3.21
C ASN B 202 7.92 -15.23 2.47
N GLY B 203 7.36 -14.59 1.45
CA GLY B 203 8.08 -13.63 0.64
C GLY B 203 7.30 -12.41 0.19
N SER B 204 7.63 -11.90 -1.00
CA SER B 204 7.08 -10.63 -1.48
C SER B 204 7.00 -10.63 -3.00
N LEU B 205 6.39 -9.57 -3.55
CA LEU B 205 6.47 -9.33 -4.98
C LEU B 205 7.94 -9.08 -5.30
N THR B 206 8.35 -9.44 -6.51
CA THR B 206 9.76 -9.33 -6.86
C THR B 206 10.07 -8.07 -7.68
N SER B 207 9.17 -7.09 -7.63
CA SER B 207 9.37 -5.79 -8.29
C SER B 207 8.48 -4.80 -7.55
N PRO B 208 8.76 -3.50 -7.69
CA PRO B 208 7.97 -2.54 -6.90
C PRO B 208 6.46 -2.77 -7.12
N PRO B 209 5.64 -2.62 -6.06
CA PRO B 209 5.98 -2.11 -4.74
C PRO B 209 6.59 -3.13 -3.76
N CYS B 210 6.91 -4.34 -4.21
CA CYS B 210 7.63 -5.29 -3.34
C CYS B 210 6.79 -5.74 -2.13
N THR B 211 5.48 -5.64 -2.25
CA THR B 211 4.56 -6.02 -1.19
C THR B 211 4.92 -7.34 -0.49
N ASP B 212 4.99 -7.26 0.84
CA ASP B 212 5.56 -8.23 1.77
C ASP B 212 4.67 -9.37 2.24
N THR B 213 3.67 -9.75 1.47
CA THR B 213 2.60 -10.60 2.02
C THR B 213 2.35 -11.80 1.13
N VAL B 214 3.37 -12.23 0.42
CA VAL B 214 3.23 -13.29 -0.55
C VAL B 214 3.79 -14.60 0.01
N ASP B 215 2.94 -15.61 0.12
CA ASP B 215 3.40 -16.96 0.32
C ASP B 215 3.72 -17.55 -1.03
N TRP B 216 4.98 -17.94 -1.22
CA TRP B 216 5.44 -18.49 -2.48
C TRP B 216 5.41 -20.02 -2.44
N ILE B 217 4.92 -20.61 -3.53
CA ILE B 217 5.09 -22.03 -3.75
C ILE B 217 6.06 -22.18 -4.93
N VAL B 218 7.17 -22.87 -4.71
CA VAL B 218 8.14 -23.08 -5.80
C VAL B 218 8.22 -24.58 -6.10
N PHE B 219 7.83 -24.98 -7.31
CA PHE B 219 7.79 -26.40 -7.66
C PHE B 219 9.20 -26.92 -7.91
N LYS B 220 9.46 -28.12 -7.40
CA LYS B 220 10.79 -28.70 -7.47
C LYS B 220 11.11 -29.19 -8.87
N ASP B 221 10.11 -29.69 -9.56
CA ASP B 221 10.29 -30.19 -10.93
C ASP B 221 10.17 -29.08 -11.97
N THR B 222 10.95 -29.18 -13.03
CA THR B 222 10.99 -28.15 -14.05
C THR B 222 10.10 -28.49 -15.23
N VAL B 223 9.75 -27.46 -16.00
CA VAL B 223 9.05 -27.64 -17.26
C VAL B 223 10.05 -27.40 -18.39
N SER B 224 10.00 -28.23 -19.43
CA SER B 224 10.94 -28.10 -20.53
C SER B 224 10.30 -27.42 -21.74
N ILE B 225 11.06 -26.53 -22.37
CA ILE B 225 10.65 -25.96 -23.65
C ILE B 225 11.83 -25.97 -24.59
N SER B 226 11.57 -25.80 -25.88
CA SER B 226 12.63 -25.91 -26.86
C SER B 226 13.42 -24.60 -26.95
N GLU B 227 14.61 -24.65 -27.54
CA GLU B 227 15.42 -23.47 -27.72
C GLU B 227 14.66 -22.41 -28.53
N SER B 228 13.89 -22.86 -29.52
CA SER B 228 13.18 -21.93 -30.38
C SER B 228 12.00 -21.27 -29.67
N GLN B 229 11.39 -21.97 -28.72
CA GLN B 229 10.35 -21.37 -27.89
C GLN B 229 10.96 -20.33 -26.96
N LEU B 230 12.12 -20.63 -26.37
CA LEU B 230 12.73 -19.73 -25.43
C LEU B 230 13.14 -18.43 -26.13
N ALA B 231 13.54 -18.56 -27.38
CA ALA B 231 14.10 -17.44 -28.13
C ALA B 231 13.14 -16.28 -28.35
N VAL B 232 11.83 -16.55 -28.33
CA VAL B 232 10.87 -15.49 -28.62
C VAL B 232 10.88 -14.40 -27.57
N PHE B 233 11.26 -14.76 -26.35
CA PHE B 233 11.20 -13.82 -25.25
C PHE B 233 12.22 -12.69 -25.44
N CYS B 234 13.37 -13.01 -26.02
CA CYS B 234 14.41 -11.99 -26.22
C CYS B 234 14.21 -11.11 -27.46
N GLU B 235 13.10 -11.33 -28.17
CA GLU B 235 12.68 -10.44 -29.24
C GLU B 235 11.73 -9.35 -28.70
N VAL B 236 11.32 -9.46 -27.45
CA VAL B 236 10.42 -8.48 -26.87
C VAL B 236 11.17 -7.16 -26.66
N LEU B 237 10.52 -6.05 -26.99
CA LEU B 237 11.13 -4.71 -26.95
C LEU B 237 10.69 -3.89 -25.74
N THR B 238 11.59 -3.06 -25.23
CA THR B 238 11.30 -2.16 -24.12
C THR B 238 11.94 -0.79 -24.30
N MET B 239 11.72 0.12 -23.35
CA MET B 239 12.26 1.49 -23.42
C MET B 239 12.98 1.77 -22.13
N GLN B 240 14.06 2.55 -22.16
CA GLN B 240 14.75 2.91 -20.93
C GLN B 240 15.35 4.30 -21.08
N GLN B 241 15.32 5.10 -20.02
CA GLN B 241 15.98 6.40 -20.06
C GLN B 241 17.48 6.18 -19.92
N SER B 242 18.26 6.70 -20.86
CA SER B 242 19.71 6.59 -20.76
C SER B 242 20.29 7.98 -20.89
N GLY B 243 20.73 8.57 -19.79
CA GLY B 243 21.13 9.97 -19.82
C GLY B 243 19.92 10.81 -20.18
N TYR B 244 20.10 11.76 -21.09
CA TYR B 244 19.03 12.66 -21.51
C TYR B 244 18.27 12.12 -22.72
N VAL B 245 18.31 10.81 -22.90
CA VAL B 245 17.78 10.21 -24.12
C VAL B 245 16.98 8.98 -23.79
N MET B 246 15.85 8.82 -24.48
CA MET B 246 15.03 7.63 -24.32
C MET B 246 15.48 6.64 -25.39
N LEU B 247 15.82 5.43 -24.97
CA LEU B 247 16.38 4.45 -25.90
C LEU B 247 15.50 3.21 -25.97
N MET B 248 15.37 2.66 -27.16
CA MET B 248 14.66 1.39 -27.32
C MET B 248 15.69 0.26 -27.27
N ASP B 249 15.36 -0.83 -26.58
CA ASP B 249 16.26 -2.00 -26.58
C ASP B 249 15.45 -3.26 -26.36
N TYR B 250 16.09 -4.40 -26.53
CA TYR B 250 15.41 -5.66 -26.24
C TYR B 250 15.28 -5.84 -24.75
N LEU B 251 14.16 -6.40 -24.33
CA LEU B 251 13.95 -6.71 -22.93
C LEU B 251 14.67 -8.01 -22.61
N GLN B 252 15.67 -7.92 -21.74
CA GLN B 252 16.48 -9.08 -21.34
C GLN B 252 16.89 -8.96 -19.88
N ASN B 253 17.20 -10.09 -19.24
CA ASN B 253 17.63 -10.10 -17.84
C ASN B 253 16.66 -9.36 -16.94
N ASN B 254 15.38 -9.65 -17.12
CA ASN B 254 14.35 -8.93 -16.39
C ASN B 254 13.98 -9.67 -15.13
N PHE B 255 14.97 -9.87 -14.26
CA PHE B 255 14.81 -10.57 -13.00
C PHE B 255 15.49 -9.81 -11.87
N ARG B 256 14.93 -9.90 -10.67
CA ARG B 256 15.51 -9.24 -9.51
C ARG B 256 16.62 -10.11 -8.96
N GLU B 257 17.67 -9.49 -8.42
CA GLU B 257 18.76 -10.27 -7.82
C GLU B 257 18.25 -10.93 -6.55
N GLN B 258 18.93 -11.99 -6.12
CA GLN B 258 18.44 -12.76 -4.97
C GLN B 258 18.62 -12.04 -3.65
N GLN B 259 17.74 -12.37 -2.70
CA GLN B 259 17.67 -11.67 -1.42
C GLN B 259 18.08 -12.58 -0.25
N TYR B 260 18.56 -11.96 0.84
CA TYR B 260 18.88 -12.70 2.05
C TYR B 260 17.62 -13.34 2.66
N LYS B 261 17.79 -14.51 3.28
CA LYS B 261 16.66 -15.16 3.95
C LYS B 261 16.29 -14.52 5.29
N PHE B 262 17.29 -13.99 5.99
CA PHE B 262 17.04 -13.33 7.28
C PHE B 262 16.15 -14.14 8.21
N SER B 263 16.52 -15.39 8.49
CA SER B 263 15.84 -16.17 9.52
C SER B 263 14.53 -16.81 9.07
N ARG B 264 14.15 -16.58 7.83
CA ARG B 264 12.98 -17.26 7.29
C ARG B 264 13.26 -18.73 7.05
N GLN B 265 12.26 -19.57 7.31
CA GLN B 265 12.38 -21.00 7.04
C GLN B 265 11.72 -21.33 5.71
N VAL B 266 12.29 -22.28 4.97
CA VAL B 266 11.66 -22.76 3.76
C VAL B 266 11.09 -24.13 4.05
N PHE B 267 9.81 -24.35 3.76
CA PHE B 267 9.21 -25.64 4.03
C PHE B 267 9.08 -26.47 2.76
N SER B 268 9.15 -27.78 2.92
CA SER B 268 9.16 -28.68 1.78
C SER B 268 8.05 -29.69 1.94
N SER B 269 7.33 -29.98 0.86
CA SER B 269 6.29 -30.99 0.93
C SER B 269 6.94 -32.37 1.10
N TYR B 270 6.13 -33.34 1.51
CA TYR B 270 6.65 -34.69 1.72
C TYR B 270 6.06 -35.65 0.69
N THR B 271 6.93 -36.31 -0.07
CA THR B 271 6.50 -37.30 -1.05
C THR B 271 7.34 -38.56 -0.98
#